data_7SVK
#
_entry.id   7SVK
#
_cell.length_a   140.260
_cell.length_b   176.682
_cell.length_c   42.238
_cell.angle_alpha   90.000
_cell.angle_beta   90.000
_cell.angle_gamma   90.000
#
_symmetry.space_group_name_H-M   'C 2 2 2'
#
loop_
_entity.id
_entity.type
_entity.pdbx_description
1 polymer 'Choloylglycine hydrolase'
2 non-polymer 'SULFATE ION'
3 water water
#
_entity_poly.entity_id   1
_entity_poly.type   'polypeptide(L)'
_entity_poly.pdbx_seq_one_letter_code
;MCTSVIYTAGDYYFGRNLDLEVNLGQEVVITPRNKTLEFREMPNLEHHYAIIGMSIVRDDYPLYFDGVNEKGVGMAGLNF
DGPAHYFPVQEGKDNIASFELVPYILAAASSVAEAKKLLSNANIANINFSDKLQAAPLHWIIADKTGASVTVESTAKGLN
VYDNPVGVLTNNPEFPRQLLNLSNYRSVAPANPANVFAPNVDLPVYSRGLGTHFLPGGMDSESRFVKATFTKMHAPVGNS
EVENITNYFHILQSVEQQKGLDEVAPNTFEYTIYSDGSNLKKGIFYYKTYENSQINAVDMHKEDLEASELITYPVQNKQI
INQQNHHHHHH
;
_entity_poly.pdbx_strand_id   A
#
loop_
_chem_comp.id
_chem_comp.type
_chem_comp.name
_chem_comp.formula
SO4 non-polymer 'SULFATE ION' 'O4 S -2'
#
# COMPACT_ATOMS: atom_id res chain seq x y z
N CYS A 2 -4.89 -5.07 5.20
CA CYS A 2 -4.16 -4.45 4.09
C CYS A 2 -2.66 -4.69 4.21
N THR A 3 -2.00 -4.74 3.06
CA THR A 3 -0.55 -4.87 2.98
C THR A 3 -0.06 -4.03 1.81
N SER A 4 0.94 -3.18 2.05
CA SER A 4 1.52 -2.35 1.00
C SER A 4 3.01 -2.63 0.93
N VAL A 5 3.57 -2.69 -0.28
CA VAL A 5 4.97 -3.02 -0.48
C VAL A 5 5.55 -2.15 -1.59
N ILE A 6 6.83 -1.86 -1.49
CA ILE A 6 7.61 -1.42 -2.65
C ILE A 6 8.54 -2.57 -3.03
N TYR A 7 8.47 -2.97 -4.29
CA TYR A 7 9.25 -4.05 -4.86
C TYR A 7 10.40 -3.41 -5.61
N THR A 8 11.61 -3.60 -5.11
CA THR A 8 12.77 -2.84 -5.59
C THR A 8 13.49 -3.60 -6.71
N ALA A 9 12.77 -3.86 -7.80
CA ALA A 9 13.34 -4.48 -8.99
C ALA A 9 12.98 -3.66 -10.22
N GLY A 10 13.92 -3.57 -11.16
CA GLY A 10 13.63 -2.86 -12.40
C GLY A 10 13.31 -1.41 -12.14
N ASP A 11 12.20 -0.94 -12.72
CA ASP A 11 11.73 0.42 -12.52
C ASP A 11 11.20 0.68 -11.11
N TYR A 12 11.00 -0.38 -10.31
CA TYR A 12 10.43 -0.35 -8.97
C TYR A 12 8.91 -0.18 -9.02
N TYR A 13 8.22 -0.88 -8.12
CA TYR A 13 6.79 -1.09 -8.19
C TYR A 13 6.20 -0.93 -6.79
N PHE A 14 5.13 -0.14 -6.68
CA PHE A 14 4.53 0.16 -5.39
C PHE A 14 3.03 -0.06 -5.46
N GLY A 15 2.46 -0.60 -4.39
CA GLY A 15 1.01 -0.69 -4.27
C GLY A 15 0.61 -1.47 -3.03
N ARG A 16 -0.61 -2.01 -3.05
CA ARG A 16 -1.18 -2.58 -1.84
C ARG A 16 -2.27 -3.59 -2.16
N ASN A 17 -2.46 -4.53 -1.22
CA ASN A 17 -3.73 -5.22 -1.03
C ASN A 17 -4.64 -4.36 -0.17
N LEU A 18 -5.91 -4.26 -0.57
CA LEU A 18 -6.92 -3.63 0.27
C LEU A 18 -7.77 -4.76 0.83
N ASP A 19 -7.71 -4.95 2.15
CA ASP A 19 -8.44 -6.04 2.80
C ASP A 19 -9.63 -5.46 3.54
N LEU A 20 -10.82 -5.95 3.23
CA LEU A 20 -12.01 -5.40 3.87
C LEU A 20 -13.13 -6.41 3.68
N GLU A 21 -14.22 -6.24 4.42
CA GLU A 21 -15.32 -7.19 4.33
C GLU A 21 -16.42 -6.76 3.34
N VAL A 22 -16.33 -5.55 2.79
CA VAL A 22 -17.29 -5.08 1.79
C VAL A 22 -16.54 -4.28 0.74
N ASN A 23 -17.15 -4.19 -0.45
CA ASN A 23 -16.65 -3.27 -1.47
C ASN A 23 -16.94 -1.82 -1.07
N LEU A 24 -16.21 -0.89 -1.67
CA LEU A 24 -16.28 0.50 -1.30
C LEU A 24 -16.71 1.42 -2.44
N GLY A 25 -16.92 0.89 -3.64
CA GLY A 25 -17.10 1.75 -4.79
C GLY A 25 -15.80 2.24 -5.38
N GLN A 26 -14.71 1.52 -5.15
CA GLN A 26 -13.40 1.91 -5.66
C GLN A 26 -13.40 1.96 -7.18
N GLU A 27 -12.70 2.96 -7.73
CA GLU A 27 -12.45 3.07 -9.16
C GLU A 27 -11.03 3.55 -9.35
N VAL A 28 -10.54 3.45 -10.58
CA VAL A 28 -9.22 3.95 -10.91
C VAL A 28 -9.37 5.44 -11.24
N VAL A 29 -8.59 6.29 -10.57
CA VAL A 29 -8.74 7.73 -10.75
C VAL A 29 -7.40 8.36 -11.12
N ILE A 30 -7.41 9.13 -12.22
CA ILE A 30 -6.26 9.95 -12.59
C ILE A 30 -6.58 11.39 -12.23
N THR A 31 -5.74 12.01 -11.40
CA THR A 31 -5.86 13.43 -11.08
C THR A 31 -4.85 14.17 -11.93
N PRO A 32 -5.27 14.90 -12.96
CA PRO A 32 -4.31 15.57 -13.84
C PRO A 32 -3.69 16.77 -13.15
N ARG A 33 -2.62 17.28 -13.77
CA ARG A 33 -1.82 18.34 -13.16
C ARG A 33 -2.65 19.58 -12.82
N ASN A 34 -3.71 19.85 -13.58
CA ASN A 34 -4.43 21.11 -13.41
C ASN A 34 -5.80 20.92 -12.79
N LYS A 35 -6.07 19.74 -12.23
CA LYS A 35 -7.22 19.58 -11.36
C LYS A 35 -6.96 20.29 -10.03
N THR A 36 -7.76 21.31 -9.73
CA THR A 36 -7.59 22.01 -8.45
C THR A 36 -7.91 21.07 -7.29
N LEU A 37 -6.98 21.02 -6.32
CA LEU A 37 -7.16 20.21 -5.11
C LEU A 37 -7.34 21.16 -3.94
N GLU A 38 -8.54 21.16 -3.37
CA GLU A 38 -8.85 22.00 -2.23
C GLU A 38 -8.41 21.31 -0.94
N PHE A 39 -8.04 22.13 0.05
CA PHE A 39 -7.64 21.64 1.36
C PHE A 39 -8.28 22.50 2.43
N ARG A 40 -8.68 21.88 3.54
CA ARG A 40 -9.48 22.59 4.53
C ARG A 40 -8.68 23.65 5.30
N GLU A 41 -7.38 23.41 5.53
CA GLU A 41 -6.60 24.30 6.38
C GLU A 41 -5.28 24.72 5.74
N MET A 42 -5.13 24.51 4.44
CA MET A 42 -3.92 24.86 3.71
C MET A 42 -4.33 25.44 2.37
N PRO A 43 -3.42 26.11 1.66
CA PRO A 43 -3.78 26.69 0.36
C PRO A 43 -4.16 25.61 -0.64
N ASN A 44 -5.07 25.97 -1.53
CA ASN A 44 -5.42 25.10 -2.63
C ASN A 44 -4.20 24.89 -3.53
N LEU A 45 -4.12 23.71 -4.13
CA LEU A 45 -3.10 23.40 -5.13
C LEU A 45 -3.77 23.47 -6.50
N GLU A 46 -3.54 24.57 -7.23
CA GLU A 46 -4.13 24.75 -8.55
C GLU A 46 -3.38 23.97 -9.62
N HIS A 47 -2.08 23.79 -9.43
CA HIS A 47 -1.23 23.03 -10.32
C HIS A 47 -0.31 22.17 -9.47
N HIS A 48 -0.04 20.96 -9.93
CA HIS A 48 0.63 19.97 -9.07
C HIS A 48 0.99 18.77 -9.94
N TYR A 49 1.58 17.76 -9.31
CA TYR A 49 1.93 16.55 -10.04
C TYR A 49 0.67 15.75 -10.36
N ALA A 50 0.71 15.05 -11.50
CA ALA A 50 -0.37 14.14 -11.87
C ALA A 50 -0.32 12.89 -10.99
N ILE A 51 -1.51 12.36 -10.66
CA ILE A 51 -1.66 11.21 -9.76
C ILE A 51 -2.51 10.15 -10.45
N ILE A 52 -2.17 8.87 -10.26
CA ILE A 52 -3.05 7.77 -10.63
C ILE A 52 -3.13 6.81 -9.43
N GLY A 53 -4.32 6.28 -9.16
CA GLY A 53 -4.47 5.40 -8.01
C GLY A 53 -5.89 4.89 -7.89
N MET A 54 -6.13 4.16 -6.81
CA MET A 54 -7.44 3.60 -6.54
C MET A 54 -8.13 4.56 -5.57
N SER A 55 -9.39 4.88 -5.83
CA SER A 55 -10.02 5.99 -5.13
C SER A 55 -11.53 5.81 -5.13
N ILE A 56 -12.20 6.52 -4.23
CA ILE A 56 -13.59 6.88 -4.46
C ILE A 56 -13.62 8.39 -4.71
N VAL A 57 -14.74 8.84 -5.26
CA VAL A 57 -14.90 10.25 -5.61
C VAL A 57 -16.19 10.75 -4.96
N ARG A 58 -16.07 11.82 -4.17
CA ARG A 58 -17.22 12.51 -3.60
C ARG A 58 -17.03 14.00 -3.83
N ASP A 59 -18.06 14.66 -4.34
CA ASP A 59 -18.00 16.10 -4.60
C ASP A 59 -16.78 16.44 -5.44
N ASP A 60 -16.54 15.60 -6.46
CA ASP A 60 -15.43 15.75 -7.40
C ASP A 60 -14.08 15.84 -6.71
N TYR A 61 -13.95 15.19 -5.55
CA TYR A 61 -12.69 15.13 -4.84
C TYR A 61 -12.15 13.71 -4.87
N PRO A 62 -10.87 13.51 -5.18
CA PRO A 62 -10.33 12.14 -5.25
C PRO A 62 -9.88 11.64 -3.89
N LEU A 63 -10.77 10.92 -3.20
CA LEU A 63 -10.48 10.30 -1.91
C LEU A 63 -9.67 9.02 -2.15
N TYR A 64 -8.35 9.19 -2.31
CA TYR A 64 -7.49 8.09 -2.70
C TYR A 64 -7.29 7.12 -1.52
N PHE A 65 -7.41 5.83 -1.80
CA PHE A 65 -6.91 4.79 -0.92
C PHE A 65 -5.39 4.65 -1.02
N ASP A 66 -4.85 4.88 -2.22
CA ASP A 66 -3.44 4.72 -2.55
C ASP A 66 -3.24 5.23 -3.97
N GLY A 67 -2.00 5.61 -4.26
CA GLY A 67 -1.71 5.98 -5.64
C GLY A 67 -0.22 6.21 -5.81
N VAL A 68 0.16 6.61 -7.02
CA VAL A 68 1.52 7.04 -7.32
C VAL A 68 1.41 8.33 -8.13
N ASN A 69 2.48 9.13 -8.11
CA ASN A 69 2.46 10.34 -8.94
C ASN A 69 3.47 10.23 -10.08
N GLU A 70 3.49 11.25 -10.94
CA GLU A 70 4.34 11.20 -12.12
C GLU A 70 5.82 11.27 -11.79
N LYS A 71 6.17 11.69 -10.57
CA LYS A 71 7.56 11.80 -10.14
C LYS A 71 8.09 10.54 -9.46
N GLY A 72 7.29 9.48 -9.40
CA GLY A 72 7.75 8.22 -8.84
C GLY A 72 7.56 8.08 -7.35
N VAL A 73 6.69 8.86 -6.75
CA VAL A 73 6.35 8.73 -5.34
C VAL A 73 5.06 7.93 -5.23
N GLY A 74 5.05 6.96 -4.32
CA GLY A 74 3.84 6.20 -4.04
C GLY A 74 3.43 6.38 -2.60
N MET A 75 2.13 6.26 -2.35
CA MET A 75 1.61 6.39 -0.98
C MET A 75 0.32 5.60 -0.82
N ALA A 76 0.13 5.00 0.38
CA ALA A 76 -1.08 4.22 0.65
C ALA A 76 -1.55 4.47 2.07
N GLY A 77 -2.87 4.57 2.25
CA GLY A 77 -3.46 4.63 3.57
C GLY A 77 -4.05 3.30 4.00
N LEU A 78 -3.61 2.81 5.16
CA LEU A 78 -3.98 1.48 5.66
C LEU A 78 -4.68 1.60 7.01
N ASN A 79 -5.69 0.75 7.25
CA ASN A 79 -6.44 0.81 8.50
C ASN A 79 -5.52 0.69 9.71
N PHE A 80 -5.80 1.48 10.74
CA PHE A 80 -4.93 1.65 11.90
C PHE A 80 -5.80 1.89 13.13
N ASP A 81 -6.80 1.03 13.33
CA ASP A 81 -7.89 1.28 14.27
C ASP A 81 -7.40 1.03 15.69
N GLY A 82 -7.34 2.08 16.50
CA GLY A 82 -6.84 1.96 17.86
C GLY A 82 -5.71 2.93 18.14
N PRO A 83 -4.54 2.69 17.55
CA PRO A 83 -3.43 3.64 17.74
C PRO A 83 -3.66 4.97 17.06
N ALA A 84 -4.41 5.02 15.96
CA ALA A 84 -4.54 6.26 15.21
C ALA A 84 -5.24 7.31 16.06
N HIS A 85 -4.67 8.52 16.09
CA HIS A 85 -5.28 9.64 16.80
C HIS A 85 -5.07 10.91 15.98
N TYR A 86 -6.15 11.64 15.72
CA TYR A 86 -6.07 12.90 15.02
C TYR A 86 -6.36 14.04 16.01
N PHE A 87 -5.73 15.19 15.78
CA PHE A 87 -5.73 16.27 16.74
C PHE A 87 -6.56 17.46 16.27
N PRO A 88 -7.00 18.32 17.20
CA PRO A 88 -7.64 19.57 16.78
C PRO A 88 -6.69 20.40 15.92
N VAL A 89 -7.28 21.27 15.10
CA VAL A 89 -6.49 22.19 14.30
C VAL A 89 -5.59 23.01 15.22
N GLN A 90 -4.32 23.14 14.84
CA GLN A 90 -3.31 23.77 15.69
C GLN A 90 -2.72 24.99 15.01
N GLU A 91 -2.71 26.12 15.71
CA GLU A 91 -2.11 27.32 15.15
C GLU A 91 -0.62 27.09 14.89
N GLY A 92 -0.16 27.54 13.73
CA GLY A 92 1.26 27.42 13.42
C GLY A 92 1.69 26.06 12.91
N LYS A 93 0.76 25.15 12.69
CA LYS A 93 1.07 23.84 12.12
C LYS A 93 0.41 23.71 10.76
N ASP A 94 1.03 22.93 9.88
CA ASP A 94 0.37 22.61 8.61
C ASP A 94 -0.65 21.53 8.91
N ASN A 95 -1.92 21.90 8.94
CA ASN A 95 -2.99 21.02 9.40
C ASN A 95 -3.56 20.27 8.20
N ILE A 96 -3.52 18.94 8.24
CA ILE A 96 -3.92 18.10 7.12
C ILE A 96 -4.96 17.11 7.60
N ALA A 97 -6.11 17.08 6.96
CA ALA A 97 -7.11 16.08 7.30
C ALA A 97 -6.62 14.69 6.87
N SER A 98 -7.09 13.66 7.59
CA SER A 98 -6.67 12.31 7.24
C SER A 98 -7.05 11.97 5.80
N PHE A 99 -8.22 12.42 5.35
CA PHE A 99 -8.63 12.14 3.98
C PHE A 99 -7.86 12.95 2.95
N GLU A 100 -7.14 14.01 3.36
CA GLU A 100 -6.37 14.80 2.42
C GLU A 100 -4.93 14.33 2.26
N LEU A 101 -4.43 13.48 3.16
CA LEU A 101 -2.98 13.29 3.23
C LEU A 101 -2.43 12.64 1.96
N VAL A 102 -3.09 11.61 1.44
CA VAL A 102 -2.60 10.96 0.22
C VAL A 102 -2.69 11.92 -0.96
N PRO A 103 -3.85 12.53 -1.25
CA PRO A 103 -3.89 13.51 -2.35
C PRO A 103 -2.85 14.61 -2.22
N TYR A 104 -2.62 15.12 -1.01
CA TYR A 104 -1.68 16.23 -0.80
C TYR A 104 -0.25 15.80 -1.08
N ILE A 105 0.20 14.69 -0.48
CA ILE A 105 1.59 14.30 -0.65
C ILE A 105 1.86 13.93 -2.11
N LEU A 106 0.94 13.20 -2.74
CA LEU A 106 1.18 12.80 -4.12
C LEU A 106 1.12 14.01 -5.06
N ALA A 107 0.36 15.03 -4.70
CA ALA A 107 0.31 16.23 -5.52
C ALA A 107 1.57 17.09 -5.37
N ALA A 108 2.15 17.12 -4.16
CA ALA A 108 3.17 18.12 -3.83
C ALA A 108 4.59 17.58 -3.73
N ALA A 109 4.78 16.28 -3.46
CA ALA A 109 6.12 15.76 -3.18
C ALA A 109 6.69 15.04 -4.40
N SER A 110 7.94 15.36 -4.75
CA SER A 110 8.63 14.65 -5.82
C SER A 110 9.55 13.54 -5.31
N SER A 111 9.63 13.34 -4.01
CA SER A 111 10.45 12.28 -3.43
C SER A 111 10.00 12.06 -1.99
N VAL A 112 10.43 10.93 -1.43
CA VAL A 112 10.23 10.69 0.00
C VAL A 112 10.90 11.79 0.82
N ALA A 113 12.09 12.23 0.39
CA ALA A 113 12.80 13.28 1.10
C ALA A 113 11.97 14.56 1.14
N GLU A 114 11.35 14.94 0.00
CA GLU A 114 10.50 16.12 -0.01
CA GLU A 114 10.50 16.12 -0.01
C GLU A 114 9.24 15.91 0.83
N ALA A 115 8.69 14.69 0.80
CA ALA A 115 7.54 14.37 1.65
C ALA A 115 7.88 14.54 3.13
N LYS A 116 9.10 14.18 3.52
CA LYS A 116 9.52 14.39 4.90
C LYS A 116 9.54 15.88 5.24
N LYS A 117 10.07 16.71 4.34
CA LYS A 117 10.05 18.15 4.58
C LYS A 117 8.62 18.67 4.68
N LEU A 118 7.74 18.21 3.78
CA LEU A 118 6.35 18.66 3.82
C LEU A 118 5.65 18.27 5.13
N LEU A 119 6.12 17.22 5.81
CA LEU A 119 5.48 16.76 7.03
C LEU A 119 6.16 17.25 8.29
N SER A 120 7.27 17.99 8.15
CA SER A 120 8.10 18.31 9.31
C SER A 120 7.41 19.24 10.29
N ASN A 121 6.40 20.00 9.86
CA ASN A 121 5.64 20.85 10.78
C ASN A 121 4.16 20.58 10.65
N ALA A 122 3.78 19.33 10.40
CA ALA A 122 2.40 19.01 10.09
C ALA A 122 1.66 18.48 11.30
N ASN A 123 0.34 18.56 11.21
CA ASN A 123 -0.57 18.03 12.21
C ASN A 123 -1.70 17.32 11.45
N ILE A 124 -1.93 16.05 11.75
CA ILE A 124 -3.06 15.35 11.16
C ILE A 124 -4.30 15.71 11.97
N ALA A 125 -5.15 16.55 11.40
CA ALA A 125 -6.24 17.16 12.11
C ALA A 125 -7.49 16.30 12.04
N ASN A 126 -8.28 16.36 13.11
CA ASN A 126 -9.53 15.58 13.21
C ASN A 126 -10.64 16.31 12.45
N ILE A 127 -10.49 16.34 11.14
CA ILE A 127 -11.42 17.00 10.24
C ILE A 127 -12.12 15.93 9.41
N ASN A 128 -13.44 15.87 9.48
CA ASN A 128 -14.21 14.94 8.67
C ASN A 128 -14.42 15.50 7.27
N PHE A 129 -14.41 14.61 6.28
CA PHE A 129 -14.75 15.05 4.92
C PHE A 129 -16.16 15.64 4.89
N SER A 130 -17.11 14.94 5.51
CA SER A 130 -18.50 15.38 5.58
C SER A 130 -19.15 14.64 6.73
N ASP A 131 -20.43 14.96 6.98
CA ASP A 131 -21.17 14.23 7.99
C ASP A 131 -21.39 12.77 7.58
N LYS A 132 -21.46 12.50 6.27
CA LYS A 132 -21.64 11.15 5.78
C LYS A 132 -20.34 10.35 5.83
N LEU A 133 -19.20 10.99 5.58
CA LEU A 133 -17.90 10.33 5.55
C LEU A 133 -17.06 10.87 6.71
N GLN A 134 -17.14 10.19 7.84
CA GLN A 134 -16.33 10.54 9.00
C GLN A 134 -14.87 10.11 8.79
N ALA A 135 -13.97 10.74 9.53
CA ALA A 135 -12.56 10.39 9.43
C ALA A 135 -12.35 8.97 9.94
N ALA A 136 -11.66 8.16 9.16
CA ALA A 136 -11.32 6.78 9.47
C ALA A 136 -9.92 6.70 10.04
N PRO A 137 -9.64 5.75 10.94
CA PRO A 137 -8.30 5.62 11.51
C PRO A 137 -7.34 4.98 10.51
N LEU A 138 -6.24 5.67 10.23
CA LEU A 138 -5.31 5.24 9.20
C LEU A 138 -3.88 5.50 9.64
N HIS A 139 -2.96 4.76 9.03
CA HIS A 139 -1.56 5.18 8.92
C HIS A 139 -1.13 4.95 7.47
N TRP A 140 0.07 5.40 7.14
CA TRP A 140 0.43 5.53 5.74
C TRP A 140 1.88 5.08 5.52
N ILE A 141 2.14 4.56 4.33
CA ILE A 141 3.50 4.34 3.85
C ILE A 141 3.70 5.22 2.63
N ILE A 142 4.87 5.85 2.55
CA ILE A 142 5.29 6.62 1.38
C ILE A 142 6.57 5.98 0.88
N ALA A 143 6.66 5.77 -0.44
CA ALA A 143 7.86 5.19 -1.04
C ALA A 143 8.14 5.92 -2.35
N ASP A 144 9.37 5.81 -2.85
CA ASP A 144 9.65 6.45 -4.14
C ASP A 144 10.60 5.58 -4.95
N LYS A 145 10.87 6.04 -6.18
CA LYS A 145 11.58 5.21 -7.15
C LYS A 145 13.07 5.09 -6.86
N THR A 146 13.59 5.79 -5.85
CA THR A 146 14.93 5.53 -5.34
C THR A 146 14.98 4.33 -4.40
N GLY A 147 13.83 3.84 -3.98
CA GLY A 147 13.76 2.75 -3.01
C GLY A 147 13.50 3.20 -1.60
N ALA A 148 13.55 4.51 -1.34
CA ALA A 148 13.30 5.03 -0.01
C ALA A 148 11.84 4.85 0.37
N SER A 149 11.58 4.72 1.67
CA SER A 149 10.21 4.70 2.16
C SER A 149 10.17 5.13 3.62
N VAL A 150 9.02 5.66 4.03
CA VAL A 150 8.78 6.05 5.41
C VAL A 150 7.38 5.58 5.79
N THR A 151 7.17 5.45 7.10
CA THR A 151 5.87 5.15 7.68
C THR A 151 5.41 6.36 8.48
N VAL A 152 4.19 6.82 8.20
CA VAL A 152 3.61 8.01 8.80
C VAL A 152 2.51 7.56 9.75
N GLU A 153 2.67 7.87 11.04
CA GLU A 153 1.68 7.52 12.05
C GLU A 153 1.37 8.73 12.92
N SER A 154 0.09 9.07 13.03
CA SER A 154 -0.37 10.03 14.01
C SER A 154 -1.04 9.25 15.15
N THR A 155 -0.44 9.32 16.34
CA THR A 155 -0.98 8.60 17.50
C THR A 155 -1.12 9.56 18.66
N ALA A 156 -1.46 9.04 19.85
CA ALA A 156 -1.52 9.89 21.04
C ALA A 156 -0.21 10.65 21.28
N LYS A 157 0.92 10.09 20.83
CA LYS A 157 2.21 10.75 20.99
C LYS A 157 2.38 11.96 20.07
N GLY A 158 1.54 12.08 19.04
CA GLY A 158 1.75 13.06 18.01
C GLY A 158 2.06 12.42 16.66
N LEU A 159 2.67 13.20 15.79
CA LEU A 159 2.95 12.79 14.43
C LEU A 159 4.37 12.25 14.33
N ASN A 160 4.52 11.00 13.91
CA ASN A 160 5.83 10.40 13.70
C ASN A 160 5.99 9.98 12.26
N VAL A 161 7.17 10.24 11.71
CA VAL A 161 7.54 9.80 10.37
C VAL A 161 8.79 8.96 10.52
N TYR A 162 8.64 7.64 10.34
CA TYR A 162 9.73 6.70 10.58
C TYR A 162 10.34 6.24 9.27
N ASP A 163 11.67 6.18 9.23
CA ASP A 163 12.31 5.46 8.14
C ASP A 163 11.78 4.03 8.13
N ASN A 164 11.44 3.54 6.94
CA ASN A 164 10.89 2.19 6.79
C ASN A 164 11.94 1.33 6.09
N PRO A 165 12.75 0.57 6.81
CA PRO A 165 13.86 -0.15 6.16
C PRO A 165 13.43 -1.35 5.35
N VAL A 166 12.17 -1.80 5.47
CA VAL A 166 11.73 -2.99 4.75
C VAL A 166 10.75 -2.66 3.63
N GLY A 167 10.26 -1.43 3.52
CA GLY A 167 9.35 -1.10 2.43
C GLY A 167 8.05 -1.86 2.47
N VAL A 168 7.54 -2.13 3.68
CA VAL A 168 6.30 -2.86 3.88
C VAL A 168 5.49 -2.17 4.97
N LEU A 169 4.17 -2.26 4.88
CA LEU A 169 3.32 -1.83 5.99
C LEU A 169 2.05 -2.67 5.99
N THR A 170 1.56 -3.00 7.19
CA THR A 170 0.22 -3.60 7.25
C THR A 170 -0.65 -2.74 8.18
N ASN A 171 -1.27 -3.34 9.18
CA ASN A 171 -2.23 -2.64 10.03
C ASN A 171 -1.60 -2.41 11.41
N ASN A 172 -2.29 -2.69 12.51
CA ASN A 172 -1.72 -2.57 13.84
C ASN A 172 -0.64 -3.63 14.06
N PRO A 173 0.28 -3.42 15.03
CA PRO A 173 0.43 -2.27 15.93
C PRO A 173 1.30 -1.17 15.35
N GLU A 174 1.69 -0.22 16.20
CA GLU A 174 2.49 0.93 15.77
C GLU A 174 3.82 0.44 15.16
N PHE A 175 4.39 1.26 14.29
CA PHE A 175 5.46 0.77 13.43
C PHE A 175 6.70 0.27 14.20
N PRO A 176 7.21 0.96 15.22
CA PRO A 176 8.39 0.41 15.90
C PRO A 176 8.15 -0.98 16.45
N ARG A 177 6.95 -1.25 16.97
CA ARG A 177 6.65 -2.58 17.49
C ARG A 177 6.62 -3.59 16.36
N GLN A 178 5.97 -3.21 15.26
CA GLN A 178 5.88 -4.08 14.09
C GLN A 178 7.27 -4.40 13.54
N LEU A 179 8.15 -3.40 13.46
CA LEU A 179 9.50 -3.64 12.96
C LEU A 179 10.32 -4.50 13.91
N LEU A 180 10.19 -4.25 15.21
CA LEU A 180 10.96 -5.06 16.17
C LEU A 180 10.60 -6.53 16.08
N ASN A 181 9.32 -6.83 15.81
CA ASN A 181 8.89 -8.22 15.74
C ASN A 181 9.64 -9.00 14.67
N LEU A 182 10.14 -8.33 13.63
CA LEU A 182 10.89 -9.04 12.59
C LEU A 182 12.14 -9.71 13.15
N SER A 183 12.73 -9.14 14.20
CA SER A 183 13.93 -9.73 14.81
C SER A 183 13.67 -11.14 15.32
N ASN A 184 12.42 -11.46 15.65
CA ASN A 184 12.11 -12.82 16.08
C ASN A 184 12.25 -13.84 14.96
N TYR A 185 12.35 -13.38 13.70
CA TYR A 185 12.34 -14.28 12.57
C TYR A 185 13.68 -14.32 11.85
N ARG A 186 14.73 -13.79 12.49
CA ARG A 186 16.05 -13.73 11.84
C ARG A 186 16.50 -15.08 11.29
N SER A 187 16.10 -16.20 11.93
CA SER A 187 16.59 -17.51 11.48
C SER A 187 15.85 -18.09 10.28
N VAL A 188 14.73 -17.48 9.85
CA VAL A 188 13.93 -18.02 8.75
C VAL A 188 14.60 -17.64 7.44
N ALA A 189 14.66 -18.58 6.49
CA ALA A 189 15.50 -18.39 5.30
C ALA A 189 14.94 -19.22 4.16
N PRO A 190 15.24 -18.86 2.91
CA PRO A 190 14.78 -19.73 1.80
C PRO A 190 15.51 -21.05 1.71
N ALA A 191 16.77 -21.14 2.14
CA ALA A 191 17.52 -22.37 2.00
C ALA A 191 17.28 -23.29 3.21
N ASN A 192 17.54 -24.57 3.00
CA ASN A 192 17.38 -25.55 4.07
C ASN A 192 18.34 -25.25 5.22
N PRO A 193 17.88 -25.24 6.47
CA PRO A 193 18.76 -24.91 7.58
C PRO A 193 19.72 -26.04 7.91
N ALA A 194 20.96 -25.67 8.25
CA ALA A 194 21.85 -26.65 8.83
C ALA A 194 21.29 -27.13 10.16
N ASN A 195 21.65 -28.37 10.52
CA ASN A 195 21.21 -28.96 11.79
C ASN A 195 22.09 -28.43 12.93
N VAL A 196 21.62 -27.35 13.56
CA VAL A 196 22.22 -26.84 14.79
C VAL A 196 21.42 -27.27 16.01
N PHE A 197 20.29 -27.94 15.81
CA PHE A 197 19.45 -28.40 16.91
C PHE A 197 20.08 -29.57 17.64
N ALA A 198 20.52 -30.58 16.90
CA ALA A 198 21.17 -31.77 17.46
C ALA A 198 22.25 -32.20 16.49
N PRO A 199 23.39 -31.48 16.48
CA PRO A 199 24.32 -31.57 15.35
C PRO A 199 24.90 -32.94 15.09
N ASN A 200 25.00 -33.78 16.11
N ASN A 200 25.00 -33.80 16.09
CA ASN A 200 25.58 -35.11 15.98
CA ASN A 200 25.59 -35.11 15.85
C ASN A 200 24.52 -36.18 15.76
C ASN A 200 24.56 -36.18 15.51
N VAL A 201 23.30 -35.80 15.39
CA VAL A 201 22.20 -36.72 15.13
C VAL A 201 21.73 -36.49 13.70
N ASP A 202 21.48 -37.58 12.98
CA ASP A 202 20.91 -37.50 11.64
C ASP A 202 19.45 -37.07 11.74
N LEU A 203 19.15 -35.85 11.32
CA LEU A 203 17.79 -35.31 11.27
C LEU A 203 17.42 -35.10 9.80
N PRO A 204 16.83 -36.11 9.14
CA PRO A 204 16.70 -36.06 7.68
C PRO A 204 15.89 -34.87 7.19
N VAL A 205 16.31 -34.33 6.05
CA VAL A 205 15.59 -33.26 5.40
C VAL A 205 14.50 -33.90 4.56
N TYR A 206 13.34 -34.14 5.18
CA TYR A 206 12.29 -34.92 4.55
C TYR A 206 11.42 -34.10 3.59
N SER A 207 11.59 -32.78 3.55
CA SER A 207 10.83 -31.91 2.67
C SER A 207 11.72 -30.77 2.24
N ARG A 208 11.50 -30.30 1.02
CA ARG A 208 12.04 -29.01 0.64
C ARG A 208 11.28 -27.91 1.38
N GLY A 209 11.89 -26.73 1.45
CA GLY A 209 11.22 -25.58 2.01
C GLY A 209 11.28 -25.45 3.52
N LEU A 210 12.00 -26.34 4.22
CA LEU A 210 12.02 -26.26 5.68
C LEU A 210 12.66 -24.97 6.20
N GLY A 211 13.42 -24.26 5.36
CA GLY A 211 13.89 -22.94 5.76
C GLY A 211 12.79 -22.01 6.22
N THR A 212 11.58 -22.18 5.68
CA THR A 212 10.45 -21.31 6.04
C THR A 212 9.43 -22.02 6.91
N HIS A 213 9.86 -23.08 7.62
CA HIS A 213 8.91 -23.80 8.48
C HIS A 213 8.24 -22.90 9.52
N PHE A 214 8.93 -21.89 10.05
CA PHE A 214 8.35 -21.02 11.07
C PHE A 214 7.85 -19.69 10.48
N LEU A 215 7.68 -19.61 9.18
CA LEU A 215 7.16 -18.40 8.52
C LEU A 215 5.64 -18.31 8.76
N PRO A 216 5.13 -17.18 9.24
CA PRO A 216 3.69 -17.11 9.56
C PRO A 216 2.82 -17.12 8.31
N GLY A 217 1.65 -17.75 8.44
CA GLY A 217 0.70 -17.78 7.35
C GLY A 217 -0.68 -17.30 7.75
N GLY A 218 -0.78 -16.67 8.92
CA GLY A 218 -2.05 -16.17 9.40
C GLY A 218 -2.55 -14.95 8.65
N MET A 219 -3.83 -14.63 8.91
CA MET A 219 -4.55 -13.52 8.30
C MET A 219 -4.35 -12.22 9.06
N ASP A 220 -3.79 -12.28 10.26
CA ASP A 220 -3.68 -11.12 11.13
C ASP A 220 -2.54 -10.21 10.68
N SER A 221 -2.55 -8.98 11.22
CA SER A 221 -1.66 -7.94 10.75
C SER A 221 -0.18 -8.26 10.98
N GLU A 222 0.17 -8.77 12.17
CA GLU A 222 1.57 -9.13 12.41
C GLU A 222 2.03 -10.26 11.49
N SER A 223 1.21 -11.31 11.36
CA SER A 223 1.58 -12.42 10.48
C SER A 223 1.83 -11.92 9.05
N ARG A 224 0.97 -11.03 8.57
CA ARG A 224 1.10 -10.62 7.18
C ARG A 224 2.31 -9.72 6.99
N PHE A 225 2.65 -8.93 8.02
CA PHE A 225 3.83 -8.08 7.93
C PHE A 225 5.08 -8.92 7.77
N VAL A 226 5.23 -9.96 8.60
CA VAL A 226 6.38 -10.84 8.52
C VAL A 226 6.43 -11.56 7.17
N LYS A 227 5.31 -12.15 6.77
CA LYS A 227 5.33 -12.96 5.55
C LYS A 227 5.55 -12.08 4.32
N ALA A 228 4.94 -10.90 4.29
CA ALA A 228 5.13 -10.00 3.15
C ALA A 228 6.56 -9.48 3.10
N THR A 229 7.15 -9.17 4.27
CA THR A 229 8.54 -8.71 4.25
C THR A 229 9.46 -9.80 3.71
N PHE A 230 9.28 -11.04 4.19
CA PHE A 230 10.10 -12.14 3.68
C PHE A 230 9.91 -12.31 2.18
N THR A 231 8.65 -12.28 1.74
CA THR A 231 8.38 -12.57 0.33
C THR A 231 8.94 -11.49 -0.59
N LYS A 232 8.85 -10.21 -0.19
CA LYS A 232 9.40 -9.15 -1.02
C LYS A 232 10.93 -9.11 -0.94
N MET A 233 11.49 -9.42 0.23
CA MET A 233 12.93 -9.40 0.39
C MET A 233 13.60 -10.52 -0.40
N HIS A 234 12.87 -11.59 -0.70
CA HIS A 234 13.42 -12.72 -1.43
C HIS A 234 12.84 -12.87 -2.82
N ALA A 235 12.15 -11.84 -3.31
CA ALA A 235 11.58 -11.88 -4.65
C ALA A 235 12.68 -11.82 -5.69
N PRO A 236 12.46 -12.36 -6.88
CA PRO A 236 13.52 -12.34 -7.89
C PRO A 236 13.69 -10.94 -8.45
N VAL A 237 14.81 -10.76 -9.14
CA VAL A 237 14.99 -9.61 -10.01
C VAL A 237 14.56 -10.06 -11.40
N GLY A 238 13.44 -9.53 -11.88
CA GLY A 238 12.92 -9.96 -13.16
C GLY A 238 13.74 -9.44 -14.32
N ASN A 239 13.46 -9.98 -15.50
CA ASN A 239 14.13 -9.55 -16.72
C ASN A 239 13.42 -8.36 -17.38
N SER A 240 12.11 -8.48 -17.60
CA SER A 240 11.35 -7.50 -18.36
C SER A 240 10.38 -6.76 -17.43
N GLU A 241 9.66 -5.79 -18.02
CA GLU A 241 8.62 -5.14 -17.26
C GLU A 241 7.45 -6.09 -17.01
N VAL A 242 7.14 -6.96 -17.96
CA VAL A 242 6.04 -7.89 -17.75
C VAL A 242 6.40 -8.90 -16.66
N GLU A 243 7.65 -9.37 -16.65
CA GLU A 243 8.08 -10.29 -15.61
C GLU A 243 8.05 -9.63 -14.24
N ASN A 244 8.42 -8.34 -14.19
CA ASN A 244 8.46 -7.64 -12.91
C ASN A 244 7.06 -7.44 -12.37
N ILE A 245 6.09 -7.08 -13.21
CA ILE A 245 4.74 -6.91 -12.66
C ILE A 245 4.16 -8.27 -12.28
N THR A 246 4.55 -9.33 -12.99
CA THR A 246 4.14 -10.69 -12.61
C THR A 246 4.69 -11.02 -11.23
N ASN A 247 5.98 -10.77 -11.03
CA ASN A 247 6.61 -11.04 -9.75
C ASN A 247 5.98 -10.21 -8.65
N TYR A 248 5.62 -8.97 -8.96
CA TYR A 248 5.04 -8.07 -7.97
C TYR A 248 3.72 -8.62 -7.41
N PHE A 249 2.83 -9.06 -8.29
CA PHE A 249 1.55 -9.57 -7.80
C PHE A 249 1.73 -10.88 -7.02
N HIS A 250 2.74 -11.67 -7.35
CA HIS A 250 3.03 -12.86 -6.53
C HIS A 250 3.44 -12.47 -5.11
N ILE A 251 4.12 -11.34 -4.94
CA ILE A 251 4.42 -10.86 -3.58
C ILE A 251 3.14 -10.53 -2.83
N LEU A 252 2.27 -9.73 -3.44
CA LEU A 252 1.01 -9.39 -2.78
C LEU A 252 0.16 -10.63 -2.55
N GLN A 253 0.20 -11.59 -3.48
CA GLN A 253 -0.64 -12.78 -3.36
C GLN A 253 -0.25 -13.61 -2.15
N SER A 254 1.03 -13.55 -1.73
CA SER A 254 1.48 -14.34 -0.59
C SER A 254 0.75 -13.98 0.69
N VAL A 255 0.25 -12.75 0.80
CA VAL A 255 -0.49 -12.33 1.98
C VAL A 255 -1.93 -11.93 1.64
N GLU A 256 -2.45 -12.41 0.52
CA GLU A 256 -3.87 -12.27 0.23
C GLU A 256 -4.69 -12.93 1.34
N GLN A 257 -5.83 -12.31 1.67
CA GLN A 257 -6.78 -12.88 2.61
C GLN A 257 -7.91 -13.52 1.82
N GLN A 258 -7.96 -14.86 1.80
CA GLN A 258 -9.03 -15.53 1.08
C GLN A 258 -10.34 -15.43 1.86
N LYS A 259 -11.45 -15.38 1.14
CA LYS A 259 -12.76 -15.43 1.76
C LYS A 259 -12.89 -16.66 2.66
N GLY A 260 -13.48 -16.46 3.82
CA GLY A 260 -13.75 -17.54 4.75
C GLY A 260 -12.72 -17.71 5.84
N LEU A 261 -11.57 -17.04 5.74
CA LEU A 261 -10.47 -17.29 6.65
C LEU A 261 -10.36 -16.25 7.76
N ASP A 262 -10.87 -15.04 7.57
CA ASP A 262 -10.74 -13.95 8.54
C ASP A 262 -12.15 -13.45 8.84
N GLU A 263 -12.78 -14.07 9.84
CA GLU A 263 -14.16 -13.78 10.18
C GLU A 263 -14.20 -12.59 11.13
N VAL A 264 -14.93 -11.54 10.74
CA VAL A 264 -15.01 -10.33 11.56
C VAL A 264 -16.36 -10.15 12.23
N ALA A 265 -17.37 -10.88 11.78
CA ALA A 265 -18.71 -10.88 12.33
C ALA A 265 -19.38 -12.09 11.71
N PRO A 266 -20.55 -12.53 12.18
CA PRO A 266 -21.16 -13.72 11.57
C PRO A 266 -21.35 -13.54 10.09
N ASN A 267 -20.89 -14.53 9.31
CA ASN A 267 -21.04 -14.56 7.86
C ASN A 267 -20.27 -13.46 7.16
N THR A 268 -19.37 -12.77 7.86
CA THR A 268 -18.73 -11.57 7.37
C THR A 268 -17.23 -11.77 7.46
N PHE A 269 -16.53 -11.62 6.33
CA PHE A 269 -15.12 -11.98 6.26
C PHE A 269 -14.32 -10.86 5.60
N GLU A 270 -13.20 -10.51 6.23
CA GLU A 270 -12.27 -9.58 5.63
C GLU A 270 -11.45 -10.33 4.58
N TYR A 271 -11.48 -9.86 3.34
CA TYR A 271 -10.77 -10.51 2.26
C TYR A 271 -10.16 -9.44 1.36
N THR A 272 -9.25 -9.84 0.48
CA THR A 272 -8.53 -8.88 -0.35
C THR A 272 -9.41 -8.45 -1.52
N ILE A 273 -10.10 -7.31 -1.39
CA ILE A 273 -11.04 -6.90 -2.43
C ILE A 273 -10.31 -6.51 -3.71
N TYR A 274 -9.12 -5.92 -3.59
CA TYR A 274 -8.31 -5.66 -4.79
C TYR A 274 -6.84 -5.66 -4.39
N SER A 275 -5.98 -5.84 -5.39
CA SER A 275 -4.54 -5.70 -5.29
C SER A 275 -4.10 -4.78 -6.41
N ASP A 276 -3.29 -3.77 -6.10
CA ASP A 276 -2.75 -2.95 -7.16
C ASP A 276 -1.25 -2.77 -6.99
N GLY A 277 -0.60 -2.34 -8.06
CA GLY A 277 0.80 -2.03 -8.07
C GLY A 277 1.14 -1.21 -9.31
N SER A 278 1.99 -0.20 -9.17
CA SER A 278 2.33 0.68 -10.27
C SER A 278 3.83 0.70 -10.52
N ASN A 279 4.19 0.78 -11.79
CA ASN A 279 5.55 1.13 -12.20
C ASN A 279 5.82 2.58 -11.80
N LEU A 280 6.77 2.78 -10.89
CA LEU A 280 7.02 4.12 -10.36
C LEU A 280 7.66 5.05 -11.38
N LYS A 281 8.50 4.52 -12.28
CA LYS A 281 9.12 5.38 -13.28
C LYS A 281 8.15 5.73 -14.40
N LYS A 282 7.32 4.77 -14.82
CA LYS A 282 6.50 4.95 -16.02
C LYS A 282 5.06 5.35 -15.70
N GLY A 283 4.65 5.32 -14.45
CA GLY A 283 3.30 5.73 -14.13
C GLY A 283 2.23 4.84 -14.71
N ILE A 284 2.50 3.54 -14.79
CA ILE A 284 1.50 2.57 -15.24
C ILE A 284 0.92 1.90 -14.00
N PHE A 285 -0.41 1.98 -13.86
CA PHE A 285 -1.12 1.43 -12.72
C PHE A 285 -1.71 0.07 -13.11
N TYR A 286 -1.38 -0.98 -12.34
CA TYR A 286 -1.90 -2.31 -12.58
C TYR A 286 -2.76 -2.75 -11.40
N TYR A 287 -3.83 -3.51 -11.68
CA TYR A 287 -4.64 -4.00 -10.57
C TYR A 287 -5.36 -5.30 -10.94
N LYS A 288 -5.67 -6.07 -9.90
CA LYS A 288 -6.56 -7.21 -9.97
C LYS A 288 -7.64 -7.01 -8.92
N THR A 289 -8.82 -7.59 -9.15
CA THR A 289 -9.83 -7.69 -8.11
C THR A 289 -9.90 -9.12 -7.61
N TYR A 290 -10.57 -9.32 -6.47
CA TYR A 290 -10.74 -10.68 -5.95
C TYR A 290 -11.47 -11.57 -6.96
N GLU A 291 -12.40 -10.99 -7.70
CA GLU A 291 -13.27 -11.75 -8.61
C GLU A 291 -12.68 -11.89 -10.01
N ASN A 292 -11.57 -11.24 -10.32
CA ASN A 292 -10.97 -11.31 -11.65
C ASN A 292 -9.47 -11.45 -11.52
N SER A 293 -8.94 -12.55 -12.05
CA SER A 293 -7.52 -12.84 -11.96
C SER A 293 -6.71 -12.18 -13.07
N GLN A 294 -7.34 -11.69 -14.14
CA GLN A 294 -6.58 -11.01 -15.18
C GLN A 294 -6.10 -9.66 -14.70
N ILE A 295 -4.81 -9.37 -14.91
CA ILE A 295 -4.25 -8.08 -14.56
C ILE A 295 -4.78 -7.03 -15.53
N ASN A 296 -5.13 -5.85 -14.99
CA ASN A 296 -5.57 -4.72 -15.80
C ASN A 296 -4.55 -3.59 -15.68
N ALA A 297 -4.30 -2.88 -16.78
CA ALA A 297 -3.31 -1.80 -16.77
C ALA A 297 -3.95 -0.50 -17.23
N VAL A 298 -3.69 0.57 -16.48
CA VAL A 298 -4.07 1.93 -16.86
C VAL A 298 -2.79 2.76 -16.87
N ASP A 299 -2.38 3.19 -18.05
CA ASP A 299 -1.15 3.97 -18.24
C ASP A 299 -1.52 5.44 -18.09
N MET A 300 -1.01 6.09 -17.04
CA MET A 300 -1.41 7.48 -16.80
C MET A 300 -0.98 8.38 -17.95
N HIS A 301 0.10 8.05 -18.65
CA HIS A 301 0.60 8.93 -19.69
C HIS A 301 -0.15 8.78 -21.00
N LYS A 302 -1.09 7.85 -21.11
CA LYS A 302 -2.00 7.82 -22.25
C LYS A 302 -3.14 8.81 -22.09
N GLU A 303 -3.23 9.46 -20.94
CA GLU A 303 -4.28 10.42 -20.64
C GLU A 303 -3.75 11.84 -20.83
N ASP A 304 -4.67 12.79 -20.78
CA ASP A 304 -4.31 14.20 -20.88
C ASP A 304 -3.96 14.69 -19.48
N LEU A 305 -2.66 14.70 -19.17
CA LEU A 305 -2.27 15.07 -17.82
C LEU A 305 -2.30 16.59 -17.61
N GLU A 306 -2.64 17.36 -18.65
CA GLU A 306 -2.86 18.78 -18.49
C GLU A 306 -4.33 19.13 -18.31
N ALA A 307 -5.19 18.13 -18.19
CA ALA A 307 -6.61 18.37 -17.98
C ALA A 307 -6.85 18.93 -16.59
N SER A 308 -8.11 19.26 -16.32
CA SER A 308 -8.49 19.89 -15.06
C SER A 308 -9.63 19.16 -14.36
N GLU A 309 -10.04 18.01 -14.87
CA GLU A 309 -11.10 17.20 -14.30
C GLU A 309 -10.57 15.80 -14.04
N LEU A 310 -11.12 15.14 -13.02
CA LEU A 310 -10.72 13.76 -12.75
C LEU A 310 -11.07 12.86 -13.94
N ILE A 311 -10.18 11.92 -14.23
CA ILE A 311 -10.40 10.90 -15.26
C ILE A 311 -10.55 9.57 -14.55
N THR A 312 -11.64 8.85 -14.82
CA THR A 312 -11.93 7.64 -14.04
C THR A 312 -12.19 6.44 -14.94
N TYR A 313 -11.87 5.25 -14.43
CA TYR A 313 -12.13 3.97 -15.06
C TYR A 313 -12.70 3.01 -14.02
N PRO A 314 -13.71 2.23 -14.38
CA PRO A 314 -14.28 1.27 -13.43
C PRO A 314 -13.39 0.04 -13.28
N VAL A 315 -13.34 -0.50 -12.07
CA VAL A 315 -12.53 -1.70 -11.87
C VAL A 315 -13.21 -2.86 -12.59
N GLN A 316 -12.41 -3.59 -13.36
CA GLN A 316 -12.87 -4.77 -14.09
C GLN A 316 -13.01 -5.94 -13.11
N ASN A 317 -14.23 -6.18 -12.63
CA ASN A 317 -14.43 -7.14 -11.55
CA ASN A 317 -14.54 -7.09 -11.54
C ASN A 317 -15.16 -8.41 -12.00
N LYS A 318 -15.23 -8.67 -13.30
CA LYS A 318 -15.75 -9.93 -13.82
C LYS A 318 -14.60 -10.82 -14.24
N GLN A 319 -14.64 -12.09 -13.83
CA GLN A 319 -13.58 -13.03 -14.19
C GLN A 319 -13.53 -13.22 -15.70
N ILE A 320 -12.40 -12.88 -16.32
CA ILE A 320 -12.24 -13.00 -17.77
C ILE A 320 -11.45 -14.27 -18.03
N ILE A 321 -12.15 -15.33 -18.46
CA ILE A 321 -11.55 -16.64 -18.66
C ILE A 321 -11.25 -16.82 -20.13
N ASN A 322 -10.04 -17.24 -20.45
CA ASN A 322 -9.67 -17.51 -21.83
C ASN A 322 -10.21 -18.87 -22.23
N GLN A 323 -11.19 -18.90 -23.14
CA GLN A 323 -11.77 -20.15 -23.61
C GLN A 323 -10.84 -20.69 -24.68
N GLN A 324 -9.97 -21.61 -24.30
CA GLN A 324 -8.87 -21.99 -25.18
C GLN A 324 -9.32 -22.90 -26.31
N ASN A 325 -10.33 -23.76 -26.11
CA ASN A 325 -10.75 -24.68 -27.17
C ASN A 325 -12.18 -24.36 -27.58
N HIS A 326 -12.58 -24.93 -28.72
CA HIS A 326 -13.83 -24.55 -29.39
C HIS A 326 -14.36 -25.70 -30.23
S SO4 B . 3.12 13.67 -20.12
O1 SO4 B . 3.90 13.56 -18.88
O2 SO4 B . 4.04 13.84 -21.24
O3 SO4 B . 2.20 14.81 -20.04
O4 SO4 B . 2.34 12.45 -20.32
S SO4 C . -6.69 -10.62 -5.34
O1 SO4 C . -5.65 -10.74 -6.34
O2 SO4 C . -6.12 -10.91 -4.02
O3 SO4 C . -7.68 -11.64 -5.67
O4 SO4 C . -7.26 -9.25 -5.36
S SO4 D . 14.93 -7.67 -4.58
O1 SO4 D . 15.93 -8.14 -5.54
O2 SO4 D . 15.37 -6.41 -4.00
O3 SO4 D . 13.66 -7.46 -5.26
O4 SO4 D . 14.75 -8.69 -3.55
S SO4 E . -17.62 -22.59 -28.67
O1 SO4 E . -17.10 -22.77 -30.02
O2 SO4 E . -16.49 -22.51 -27.75
O3 SO4 E . -18.46 -23.72 -28.33
O4 SO4 E . -18.39 -21.37 -28.54
#